data_8FLO
#
_entry.id   8FLO
#
_cell.length_a   98.715
_cell.length_b   72.827
_cell.length_c   65.343
_cell.angle_alpha   90.00
_cell.angle_beta   109.38
_cell.angle_gamma   90.00
#
_symmetry.space_group_name_H-M   'C 1 2 1'
#
loop_
_entity.id
_entity.type
_entity.pdbx_description
1 polymer 'Cytochrome P450 124A1'
2 non-polymer 'PROTOPORPHYRIN IX CONTAINING FE'
3 non-polymer 'SULFATE ION'
4 non-polymer GLYCEROL
5 non-polymer DI(HYDROXYETHYL)ETHER
6 water water
#
_entity_poly.entity_id   1
_entity_poly.type   'polypeptide(L)'
_entity_poly.pdbx_seq_one_letter_code
;MDLSTNLNTGLLPRVNGTPPPEVPLADIELGSLEFWGRDDDFRDGAFATLRREAPISFWPPIELAGLTAGKGHWALTKHD
DIHFASRHPEIFHSSPNIVIHDQTPELAEYFGSMIVLDDPRHQRLRSIVSRAFTPKVVARIEASVRERAHRLVAAMIENH
PDGQADLVSELAGPLPLQIICDMMGIPEEDHEQIFHWTNVILGFGDPDLTTDFDEFLQVSMAIGGYATALADDRRVNHHG
DLTTSLVEAEVDGERLSSSEIAMFFILLVVAGNETTRNAISHGMLALSRYPDERAKWWSDFDGLAATAVEEIVRWASPVV
YMRRTLSQDVDLRGTKMAAGDKVTLWYCSANRDEEKFADPWTFDVTRNPNPQVGFGGGGAHFCLGANLARREIRVVFDEL
RRQMPDVVATEEPARLLSQFIHGIKRLPVAWSRHHHHHH
;
_entity_poly.pdbx_strand_id   A
#
loop_
_chem_comp.id
_chem_comp.type
_chem_comp.name
_chem_comp.formula
GOL non-polymer GLYCEROL 'C3 H8 O3'
HEM non-polymer 'PROTOPORPHYRIN IX CONTAINING FE' 'C34 H32 Fe N4 O4'
PEG non-polymer DI(HYDROXYETHYL)ETHER 'C4 H10 O3'
SO4 non-polymer 'SULFATE ION' 'O4 S -2'
#
# COMPACT_ATOMS: atom_id res chain seq x y z
N GLY A 10 17.64 -12.06 -0.66
CA GLY A 10 18.82 -12.14 0.21
C GLY A 10 19.99 -12.33 -0.68
N LEU A 11 19.99 -13.38 -1.48
CA LEU A 11 21.05 -13.67 -2.47
C LEU A 11 22.13 -12.60 -2.61
N LEU A 12 21.92 -11.54 -3.39
CA LEU A 12 23.09 -10.70 -3.65
C LEU A 12 23.57 -10.05 -2.36
N PRO A 13 24.86 -10.19 -2.00
CA PRO A 13 25.34 -9.54 -0.79
C PRO A 13 25.25 -8.03 -0.97
N ARG A 14 24.95 -7.34 0.12
CA ARG A 14 24.67 -5.90 0.15
C ARG A 14 25.11 -5.41 1.52
N VAL A 15 25.71 -4.21 1.57
CA VAL A 15 26.17 -3.67 2.84
C VAL A 15 25.19 -2.58 3.29
N ASN A 16 24.74 -2.65 4.54
CA ASN A 16 23.79 -1.65 5.02
C ASN A 16 24.42 -0.26 4.87
N GLY A 17 23.65 0.70 4.35
CA GLY A 17 24.18 2.05 4.18
C GLY A 17 24.74 2.36 2.81
N THR A 18 24.63 1.44 1.87
CA THR A 18 25.20 1.66 0.54
C THR A 18 24.34 2.60 -0.29
N PRO A 19 24.85 3.75 -0.72
CA PRO A 19 24.01 4.68 -1.53
C PRO A 19 23.78 4.14 -2.94
N PRO A 20 22.78 4.66 -3.65
CA PRO A 20 22.49 4.19 -5.00
C PRO A 20 23.53 4.70 -5.98
N PRO A 21 23.70 4.14 -7.22
CA PRO A 21 24.64 4.72 -8.19
C PRO A 21 24.20 6.11 -8.66
N GLU A 22 25.17 6.96 -9.06
CA GLU A 22 24.84 8.32 -9.58
C GLU A 22 24.15 8.17 -10.94
N VAL A 23 22.84 8.41 -10.99
CA VAL A 23 22.08 8.22 -12.27
C VAL A 23 22.08 9.54 -13.07
N PRO A 24 22.63 9.66 -14.32
CA PRO A 24 22.60 10.98 -14.99
C PRO A 24 21.16 11.42 -15.27
N LEU A 25 20.88 12.71 -15.06
CA LEU A 25 19.53 13.23 -15.29
C LEU A 25 19.02 12.87 -16.67
N ALA A 26 19.85 13.01 -17.70
CA ALA A 26 19.44 12.72 -19.07
C ALA A 26 19.12 11.24 -19.28
N ASP A 27 19.40 10.38 -18.31
CA ASP A 27 19.08 8.97 -18.42
C ASP A 27 17.74 8.58 -17.78
N ILE A 28 17.05 9.51 -17.11
CA ILE A 28 15.84 9.20 -16.37
C ILE A 28 14.62 9.42 -17.26
N GLU A 29 13.79 8.39 -17.40
CA GLU A 29 12.57 8.46 -18.22
C GLU A 29 11.40 8.01 -17.35
N LEU A 30 10.78 8.92 -16.59
CA LEU A 30 9.67 8.51 -15.72
C LEU A 30 8.43 8.09 -16.49
N GLY A 31 8.27 8.54 -17.72
CA GLY A 31 7.21 8.04 -18.57
C GLY A 31 7.50 6.81 -19.40
N SER A 32 8.58 6.05 -19.15
CA SER A 32 8.85 4.84 -19.92
C SER A 32 8.70 3.61 -19.04
N LEU A 33 8.08 2.56 -19.59
CA LEU A 33 7.88 1.35 -18.81
C LEU A 33 9.19 0.65 -18.54
N GLU A 34 10.16 0.83 -19.44
CA GLU A 34 11.48 0.26 -19.20
C GLU A 34 12.08 0.81 -17.92
N PHE A 35 11.83 2.10 -17.62
CA PHE A 35 12.36 2.67 -16.39
C PHE A 35 11.84 1.91 -15.17
N TRP A 36 10.54 1.61 -15.15
CA TRP A 36 9.95 0.97 -13.98
C TRP A 36 10.33 -0.50 -13.87
N GLY A 37 10.89 -1.10 -14.93
CA GLY A 37 11.46 -2.44 -14.84
C GLY A 37 12.89 -2.54 -14.29
N ARG A 38 13.60 -1.42 -14.15
CA ARG A 38 14.96 -1.49 -13.63
C ARG A 38 14.92 -1.89 -12.14
N ASP A 39 16.07 -2.27 -11.58
CA ASP A 39 16.11 -2.67 -10.17
C ASP A 39 15.94 -1.44 -9.26
N ASP A 40 15.75 -1.70 -7.97
CA ASP A 40 15.52 -0.61 -7.01
C ASP A 40 16.72 0.34 -6.91
N ASP A 41 17.95 -0.16 -7.03
CA ASP A 41 19.08 0.79 -6.98
C ASP A 41 18.97 1.84 -8.05
N PHE A 42 18.68 1.45 -9.29
CA PHE A 42 18.57 2.43 -10.36
C PHE A 42 17.46 3.44 -10.06
N ARG A 43 16.29 2.93 -9.66
CA ARG A 43 15.17 3.81 -9.32
C ARG A 43 15.53 4.77 -8.21
N ASP A 44 16.10 4.24 -7.10
CA ASP A 44 16.50 5.11 -5.98
C ASP A 44 17.52 6.15 -6.44
N GLY A 45 18.42 5.74 -7.32
CA GLY A 45 19.41 6.68 -7.83
C GLY A 45 18.81 7.74 -8.73
N ALA A 46 17.82 7.34 -9.56
CA ALA A 46 17.12 8.36 -10.35
C ALA A 46 16.48 9.41 -9.47
N PHE A 47 15.73 8.98 -8.44
CA PHE A 47 15.03 9.95 -7.62
C PHE A 47 16.00 10.80 -6.80
N ALA A 48 17.13 10.21 -6.39
CA ALA A 48 18.19 10.99 -5.75
C ALA A 48 18.70 12.09 -6.68
N THR A 49 18.93 11.74 -7.94
CA THR A 49 19.28 12.76 -8.91
C THR A 49 18.20 13.80 -9.07
N LEU A 50 16.91 13.38 -9.13
CA LEU A 50 15.84 14.37 -9.26
C LEU A 50 15.79 15.30 -8.03
N ARG A 51 15.94 14.75 -6.82
CA ARG A 51 15.85 15.62 -5.64
C ARG A 51 16.93 16.69 -5.69
N ARG A 52 18.11 16.33 -6.19
CA ARG A 52 19.23 17.27 -6.18
C ARG A 52 19.09 18.29 -7.31
N GLU A 53 18.83 17.82 -8.52
CA GLU A 53 19.01 18.60 -9.74
C GLU A 53 17.73 19.09 -10.38
N ALA A 54 16.62 18.35 -10.24
CA ALA A 54 15.33 18.74 -10.83
C ALA A 54 14.20 18.27 -9.92
N PRO A 55 14.01 18.94 -8.77
CA PRO A 55 13.14 18.36 -7.73
C PRO A 55 11.64 18.42 -8.06
N ILE A 56 11.23 19.34 -8.96
CA ILE A 56 9.88 19.37 -9.55
C ILE A 56 10.05 19.43 -11.06
N SER A 57 9.51 18.44 -11.76
CA SER A 57 9.72 18.31 -13.20
C SER A 57 8.50 17.63 -13.81
N PHE A 58 8.25 17.91 -15.10
CA PHE A 58 7.07 17.42 -15.82
C PHE A 58 7.38 16.18 -16.64
N TRP A 59 6.51 15.18 -16.56
CA TRP A 59 6.74 13.93 -17.23
C TRP A 59 5.47 13.48 -17.94
N PRO A 60 5.60 12.82 -19.09
CA PRO A 60 4.43 12.21 -19.76
C PRO A 60 4.06 10.92 -19.05
N PRO A 61 2.84 10.41 -19.25
CA PRO A 61 2.46 9.14 -18.63
C PRO A 61 3.09 7.98 -19.37
N ILE A 62 3.17 6.85 -18.66
CA ILE A 62 3.45 5.60 -19.35
C ILE A 62 2.36 5.36 -20.39
N GLU A 63 2.79 5.07 -21.61
CA GLU A 63 1.87 4.80 -22.70
C GLU A 63 2.00 3.33 -23.08
N LEU A 64 0.93 2.57 -22.87
CA LEU A 64 0.84 1.24 -23.46
C LEU A 64 0.31 1.40 -24.88
N ALA A 65 1.17 1.10 -25.85
CA ALA A 65 0.86 1.25 -27.27
C ALA A 65 -0.48 0.62 -27.61
N GLY A 66 -1.37 1.44 -28.15
CA GLY A 66 -2.72 1.01 -28.48
C GLY A 66 -3.78 1.56 -27.57
N LEU A 67 -3.38 2.13 -26.44
CA LEU A 67 -4.38 2.61 -25.45
C LEU A 67 -4.16 4.09 -25.12
N THR A 68 -5.24 4.80 -24.79
CA THR A 68 -5.16 6.23 -24.39
C THR A 68 -4.25 6.34 -23.17
N ALA A 69 -3.44 7.40 -23.09
CA ALA A 69 -2.45 7.53 -21.99
C ALA A 69 -2.81 8.70 -21.05
N GLY A 70 -3.45 9.76 -21.56
CA GLY A 70 -3.78 10.91 -20.74
C GLY A 70 -2.69 11.97 -20.76
N LYS A 71 -2.90 13.00 -19.97
CA LYS A 71 -1.88 14.04 -19.97
C LYS A 71 -0.80 13.70 -18.95
N GLY A 72 0.28 14.51 -18.93
CA GLY A 72 1.41 14.27 -18.05
C GLY A 72 1.21 14.88 -16.67
N HIS A 73 2.30 14.80 -15.87
CA HIS A 73 2.22 15.11 -14.45
C HIS A 73 3.53 15.74 -13.95
N TRP A 74 3.39 16.67 -13.00
CA TRP A 74 4.54 17.19 -12.26
C TRP A 74 4.88 16.24 -11.12
N ALA A 75 6.12 15.75 -11.14
CA ALA A 75 6.69 14.91 -10.08
C ALA A 75 7.27 15.77 -8.95
N LEU A 76 6.65 15.67 -7.76
CA LEU A 76 7.18 16.23 -6.51
C LEU A 76 8.01 15.14 -5.83
N THR A 77 9.31 15.42 -5.65
CA THR A 77 10.24 14.42 -5.14
C THR A 77 10.78 14.75 -3.76
N LYS A 78 10.56 15.97 -3.26
CA LYS A 78 11.05 16.43 -1.95
C LYS A 78 10.01 16.23 -0.86
N HIS A 79 10.47 15.74 0.29
CA HIS A 79 9.57 15.52 1.44
C HIS A 79 8.76 16.77 1.79
N ASP A 80 9.40 17.95 1.79
CA ASP A 80 8.73 19.19 2.12
C ASP A 80 7.66 19.57 1.10
N ASP A 81 7.92 19.31 -0.18
CA ASP A 81 6.91 19.54 -1.21
C ASP A 81 5.71 18.60 -1.08
N ILE A 82 5.98 17.32 -0.84
CA ILE A 82 4.93 16.34 -0.70
C ILE A 82 4.06 16.62 0.53
N HIS A 83 4.69 17.01 1.64
CA HIS A 83 3.97 17.41 2.85
C HIS A 83 3.07 18.60 2.57
N PHE A 84 3.61 19.61 1.89
CA PHE A 84 2.84 20.82 1.58
C PHE A 84 1.61 20.47 0.78
N ALA A 85 1.78 19.63 -0.27
CA ALA A 85 0.66 19.25 -1.12
C ALA A 85 -0.39 18.52 -0.33
N SER A 86 0.01 17.59 0.51
CA SER A 86 -0.93 16.81 1.32
C SER A 86 -1.74 17.69 2.29
N ARG A 87 -1.14 18.79 2.79
CA ARG A 87 -1.74 19.73 3.75
C ARG A 87 -2.68 20.75 3.09
N HIS A 88 -2.80 20.74 1.76
CA HIS A 88 -3.61 21.71 1.03
C HIS A 88 -4.50 20.98 0.03
N PRO A 89 -5.44 20.16 0.52
CA PRO A 89 -6.34 19.45 -0.39
C PRO A 89 -7.23 20.38 -1.19
N GLU A 90 -7.42 21.60 -0.74
CA GLU A 90 -8.24 22.54 -1.50
C GLU A 90 -7.53 22.98 -2.79
N ILE A 91 -6.20 22.97 -2.81
CA ILE A 91 -5.48 23.27 -4.03
C ILE A 91 -5.17 22.00 -4.81
N PHE A 92 -4.72 20.94 -4.11
CA PHE A 92 -4.31 19.66 -4.72
C PHE A 92 -5.46 18.68 -4.50
N HIS A 93 -6.35 18.53 -5.51
CA HIS A 93 -7.55 17.73 -5.32
C HIS A 93 -7.30 16.23 -5.48
N SER A 94 -8.10 15.44 -4.77
CA SER A 94 -8.07 13.99 -4.95
C SER A 94 -9.05 13.53 -5.99
N SER A 95 -10.14 14.29 -6.20
CA SER A 95 -11.02 14.02 -7.33
C SER A 95 -10.39 14.55 -8.62
N PRO A 96 -10.47 13.83 -9.76
CA PRO A 96 -11.26 12.62 -10.07
C PRO A 96 -10.64 11.32 -9.61
N ASN A 97 -9.30 11.23 -9.58
CA ASN A 97 -8.66 10.01 -9.14
C ASN A 97 -7.22 10.30 -8.69
N ILE A 98 -6.60 9.28 -8.10
CA ILE A 98 -5.31 9.40 -7.41
C ILE A 98 -4.22 8.59 -8.07
N VAL A 99 -4.48 8.08 -9.27
CA VAL A 99 -3.49 7.49 -10.16
C VAL A 99 -3.29 8.43 -11.33
N ILE A 100 -2.15 8.26 -12.00
CA ILE A 100 -1.78 9.16 -13.08
C ILE A 100 -2.84 9.16 -14.17
N HIS A 101 -3.28 7.97 -14.59
CA HIS A 101 -4.35 7.86 -15.59
C HIS A 101 -5.37 6.81 -15.16
N ASP A 102 -6.62 7.23 -14.98
CA ASP A 102 -7.73 6.31 -14.66
C ASP A 102 -8.28 5.65 -15.91
N GLN A 103 -8.18 4.30 -15.97
CA GLN A 103 -8.62 3.54 -17.12
C GLN A 103 -10.13 3.32 -17.13
N THR A 104 -10.79 3.40 -15.97
CA THR A 104 -12.24 3.23 -15.87
C THR A 104 -12.87 4.42 -15.15
N PRO A 105 -12.87 5.59 -15.79
CA PRO A 105 -13.26 6.81 -15.06
C PRO A 105 -14.73 6.85 -14.62
N GLU A 106 -15.65 6.18 -15.37
CA GLU A 106 -17.04 6.06 -14.91
C GLU A 106 -17.13 5.27 -13.62
N LEU A 107 -16.12 4.45 -13.31
CA LEU A 107 -16.10 3.71 -12.05
C LEU A 107 -15.12 4.27 -11.02
N ALA A 108 -14.69 5.52 -11.18
CA ALA A 108 -13.68 6.08 -10.27
C ALA A 108 -14.14 5.98 -8.81
N GLU A 109 -15.37 6.42 -8.53
CA GLU A 109 -15.90 6.36 -7.17
C GLU A 109 -16.26 4.93 -6.78
N TYR A 110 -16.66 4.09 -7.74
CA TYR A 110 -17.02 2.69 -7.44
C TYR A 110 -15.85 1.93 -6.81
N PHE A 111 -14.67 2.02 -7.44
CA PHE A 111 -13.49 1.39 -6.87
C PHE A 111 -12.86 2.22 -5.76
N GLY A 112 -12.95 3.56 -5.82
CA GLY A 112 -12.18 4.44 -4.98
C GLY A 112 -12.75 4.82 -3.64
N SER A 113 -14.09 4.78 -3.52
CA SER A 113 -14.76 5.19 -2.30
C SER A 113 -14.18 6.53 -1.83
N MET A 114 -13.82 6.68 -0.55
CA MET A 114 -13.40 8.00 -0.06
C MET A 114 -12.10 8.52 -0.67
N ILE A 115 -11.23 7.66 -1.21
CA ILE A 115 -9.92 8.19 -1.60
C ILE A 115 -10.00 9.11 -2.83
N VAL A 116 -11.11 9.08 -3.59
CA VAL A 116 -11.21 9.90 -4.80
C VAL A 116 -12.14 11.08 -4.59
N LEU A 117 -12.55 11.31 -3.35
CA LEU A 117 -13.43 12.43 -3.01
C LEU A 117 -12.65 13.54 -2.32
N ASP A 118 -13.04 14.77 -2.63
CA ASP A 118 -12.67 15.99 -1.93
C ASP A 118 -13.77 16.39 -0.93
N ASP A 119 -13.44 17.36 -0.06
CA ASP A 119 -14.46 17.83 0.87
C ASP A 119 -15.45 18.73 0.13
N PRO A 120 -16.69 18.78 0.62
CA PRO A 120 -17.17 18.15 1.85
C PRO A 120 -17.56 16.66 1.75
N ARG A 121 -17.74 16.12 0.53
CA ARG A 121 -18.16 14.73 0.42
C ARG A 121 -17.18 13.78 1.11
N HIS A 122 -15.86 14.04 0.97
CA HIS A 122 -14.88 13.16 1.59
C HIS A 122 -15.05 13.12 3.10
N GLN A 123 -15.08 14.29 3.73
CA GLN A 123 -15.10 14.25 5.19
C GLN A 123 -16.36 13.62 5.68
N ARG A 124 -17.47 13.86 4.98
CA ARG A 124 -18.78 13.29 5.42
C ARG A 124 -18.66 11.77 5.42
N LEU A 125 -18.17 11.17 4.33
CA LEU A 125 -18.10 9.72 4.23
C LEU A 125 -17.10 9.14 5.23
N ARG A 126 -15.90 9.74 5.31
CA ARG A 126 -14.89 9.22 6.21
C ARG A 126 -15.34 9.30 7.67
N SER A 127 -16.04 10.38 8.04
CA SER A 127 -16.60 10.48 9.39
C SER A 127 -17.51 9.30 9.69
N ILE A 128 -18.42 8.95 8.76
CA ILE A 128 -19.36 7.88 9.07
C ILE A 128 -18.63 6.54 9.13
N VAL A 129 -17.76 6.27 8.15
CA VAL A 129 -16.98 5.04 8.18
C VAL A 129 -16.16 4.92 9.47
N SER A 130 -15.49 6.01 9.90
CA SER A 130 -14.64 5.98 11.10
C SER A 130 -15.44 5.58 12.34
N ARG A 131 -16.67 6.05 12.44
CA ARG A 131 -17.39 5.76 13.67
C ARG A 131 -17.87 4.33 13.71
N ALA A 132 -17.83 3.63 12.59
CA ALA A 132 -18.22 2.23 12.64
C ALA A 132 -17.13 1.39 13.28
N PHE A 133 -15.90 1.91 13.34
CA PHE A 133 -14.80 1.22 13.99
C PHE A 133 -14.89 1.44 15.50
N THR A 134 -15.86 0.78 16.10
CA THR A 134 -16.15 0.90 17.52
C THR A 134 -15.17 0.06 18.32
N PRO A 135 -15.05 0.34 19.64
CA PRO A 135 -14.10 -0.46 20.45
C PRO A 135 -14.30 -1.95 20.33
N LYS A 136 -15.54 -2.42 20.26
CA LYS A 136 -15.78 -3.85 20.15
C LYS A 136 -15.34 -4.39 18.80
N VAL A 137 -15.62 -3.65 17.73
CA VAL A 137 -15.24 -4.08 16.39
C VAL A 137 -13.71 -4.13 16.29
N VAL A 138 -13.03 -3.13 16.87
CA VAL A 138 -11.57 -3.05 16.83
C VAL A 138 -10.94 -4.17 17.64
N ALA A 139 -11.50 -4.49 18.81
CA ALA A 139 -10.93 -5.58 19.59
C ALA A 139 -11.03 -6.90 18.83
N ARG A 140 -12.13 -7.12 18.12
CA ARG A 140 -12.20 -8.31 17.25
C ARG A 140 -11.16 -8.28 16.13
N ILE A 141 -10.90 -7.12 15.53
CA ILE A 141 -9.85 -7.05 14.50
C ILE A 141 -8.50 -7.42 15.10
N GLU A 142 -8.26 -6.99 16.33
CA GLU A 142 -6.94 -7.20 16.91
C GLU A 142 -6.72 -8.67 17.20
N ALA A 143 -7.77 -9.38 17.63
CA ALA A 143 -7.62 -10.82 17.85
C ALA A 143 -7.42 -11.53 16.52
N SER A 144 -8.11 -11.06 15.47
CA SER A 144 -8.00 -11.66 14.13
C SER A 144 -6.57 -11.56 13.59
N VAL A 145 -5.94 -10.39 13.73
CA VAL A 145 -4.56 -10.24 13.24
C VAL A 145 -3.64 -11.31 13.86
N ARG A 146 -3.69 -11.45 15.19
CA ARG A 146 -2.92 -12.48 15.86
C ARG A 146 -3.30 -13.90 15.41
N GLU A 147 -4.59 -14.21 15.43
CA GLU A 147 -5.03 -15.55 15.01
C GLU A 147 -4.55 -15.87 13.59
N ARG A 148 -4.82 -14.96 12.64
CA ARG A 148 -4.51 -15.25 11.25
C ARG A 148 -2.98 -15.37 11.03
N ALA A 149 -2.17 -14.47 11.62
CA ALA A 149 -0.72 -14.61 11.42
C ALA A 149 -0.20 -15.91 12.02
N HIS A 150 -0.72 -16.29 13.20
CA HIS A 150 -0.24 -17.50 13.84
C HIS A 150 -0.59 -18.74 13.02
N ARG A 151 -1.79 -18.78 12.46
CA ARG A 151 -2.22 -19.93 11.68
C ARG A 151 -1.47 -20.03 10.37
N LEU A 152 -1.28 -18.89 9.70
CA LEU A 152 -0.60 -18.92 8.42
C LEU A 152 0.86 -19.35 8.56
N VAL A 153 1.58 -18.88 9.60
CA VAL A 153 2.98 -19.32 9.75
C VAL A 153 3.01 -20.80 10.11
N ALA A 154 2.08 -21.24 10.97
CA ALA A 154 2.06 -22.63 11.38
C ALA A 154 1.70 -23.53 10.21
N ALA A 155 0.87 -23.04 9.30
CA ALA A 155 0.57 -23.80 8.08
C ALA A 155 1.78 -23.89 7.17
N MET A 156 2.64 -22.86 7.11
CA MET A 156 3.81 -22.96 6.24
C MET A 156 4.68 -24.14 6.67
N ILE A 157 4.78 -24.35 7.99
CA ILE A 157 5.61 -25.42 8.53
C ILE A 157 5.03 -26.80 8.18
N GLU A 158 3.73 -27.02 8.39
CA GLU A 158 3.12 -28.29 7.96
C GLU A 158 3.10 -28.49 6.45
N ASN A 159 2.93 -27.43 5.67
CA ASN A 159 2.83 -27.62 4.22
C ASN A 159 4.18 -27.76 3.54
N HIS A 160 5.29 -27.62 4.27
CA HIS A 160 6.62 -27.62 3.67
C HIS A 160 7.60 -28.29 4.61
N PRO A 161 7.59 -29.63 4.66
CA PRO A 161 8.65 -30.34 5.40
C PRO A 161 10.01 -30.03 4.85
N ASP A 162 10.12 -29.60 3.58
CA ASP A 162 11.44 -29.24 3.07
C ASP A 162 11.93 -27.88 3.57
N GLY A 163 11.13 -27.14 4.33
CA GLY A 163 11.62 -25.91 4.90
C GLY A 163 11.86 -24.77 3.93
N GLN A 164 11.23 -24.81 2.75
CA GLN A 164 11.24 -23.79 1.72
C GLN A 164 9.82 -23.45 1.27
N ALA A 165 9.55 -22.16 1.04
CA ALA A 165 8.27 -21.70 0.53
C ALA A 165 8.39 -20.31 -0.06
N ASP A 166 7.36 -19.90 -0.79
CA ASP A 166 7.21 -18.53 -1.27
C ASP A 166 6.51 -17.71 -0.18
N LEU A 167 7.19 -16.69 0.35
CA LEU A 167 6.56 -15.88 1.41
C LEU A 167 5.28 -15.20 0.94
N VAL A 168 5.21 -14.81 -0.33
CA VAL A 168 4.04 -14.07 -0.81
C VAL A 168 2.81 -14.96 -0.85
N SER A 169 2.88 -16.11 -1.55
CA SER A 169 1.70 -16.96 -1.65
C SER A 169 1.29 -17.54 -0.29
N GLU A 170 2.24 -17.76 0.62
CA GLU A 170 1.89 -18.52 1.82
C GLU A 170 1.60 -17.64 3.01
N LEU A 171 2.05 -16.39 3.00
CA LEU A 171 1.85 -15.56 4.18
C LEU A 171 1.51 -14.10 3.87
N ALA A 172 2.40 -13.40 3.14
CA ALA A 172 2.24 -11.95 2.95
C ALA A 172 0.98 -11.63 2.13
N GLY A 173 0.65 -12.46 1.16
CA GLY A 173 -0.55 -12.39 0.32
C GLY A 173 -1.83 -12.59 1.09
N PRO A 174 -1.98 -13.75 1.74
CA PRO A 174 -3.27 -14.06 2.38
C PRO A 174 -3.54 -13.30 3.65
N LEU A 175 -2.55 -13.01 4.49
CA LEU A 175 -2.84 -12.39 5.78
C LEU A 175 -3.69 -11.13 5.66
N PRO A 176 -3.34 -10.11 4.84
CA PRO A 176 -4.13 -8.87 4.90
C PRO A 176 -5.55 -9.05 4.44
N LEU A 177 -5.76 -9.94 3.46
CA LEU A 177 -7.12 -10.16 2.95
C LEU A 177 -7.94 -11.00 3.91
N GLN A 178 -7.34 -12.00 4.58
CA GLN A 178 -8.08 -12.76 5.57
C GLN A 178 -8.54 -11.86 6.69
N ILE A 179 -7.70 -10.89 7.05
CA ILE A 179 -8.09 -9.94 8.11
C ILE A 179 -9.25 -9.04 7.66
N ILE A 180 -9.23 -8.59 6.42
CA ILE A 180 -10.37 -7.83 5.91
C ILE A 180 -11.65 -8.69 5.89
N CYS A 181 -11.55 -9.94 5.43
CA CYS A 181 -12.71 -10.84 5.46
C CYS A 181 -13.25 -11.00 6.86
N ASP A 182 -12.35 -11.22 7.84
CA ASP A 182 -12.78 -11.34 9.24
C ASP A 182 -13.53 -10.10 9.72
N MET A 183 -13.01 -8.89 9.43
CA MET A 183 -13.74 -7.73 9.97
C MET A 183 -15.10 -7.54 9.30
N MET A 184 -15.23 -7.87 8.01
CA MET A 184 -16.56 -7.83 7.37
C MET A 184 -17.49 -8.96 7.81
N GLY A 185 -17.00 -9.95 8.56
CA GLY A 185 -17.86 -11.09 8.90
C GLY A 185 -18.11 -12.06 7.76
N ILE A 186 -17.20 -12.15 6.81
CA ILE A 186 -17.34 -13.02 5.65
C ILE A 186 -17.09 -14.46 6.08
N PRO A 187 -17.98 -15.41 5.74
CA PRO A 187 -17.80 -16.80 6.17
C PRO A 187 -16.57 -17.44 5.55
N GLU A 188 -16.01 -18.42 6.27
CA GLU A 188 -14.82 -19.14 5.79
C GLU A 188 -15.05 -19.64 4.37
N GLU A 189 -16.22 -20.25 4.18
CA GLU A 189 -16.54 -20.83 2.86
C GLU A 189 -16.37 -19.78 1.77
N ASP A 190 -16.74 -18.51 2.02
CA ASP A 190 -16.73 -17.53 0.94
C ASP A 190 -15.32 -17.02 0.57
N HIS A 191 -14.25 -17.43 1.24
CA HIS A 191 -12.95 -16.75 1.02
C HIS A 191 -12.43 -16.96 -0.37
N GLU A 192 -12.59 -18.22 -0.83
CA GLU A 192 -12.11 -18.60 -2.19
C GLU A 192 -12.63 -17.57 -3.18
N GLN A 193 -13.95 -17.36 -3.21
CA GLN A 193 -14.44 -16.43 -4.20
C GLN A 193 -13.96 -14.97 -3.98
N ILE A 194 -13.99 -14.49 -2.74
CA ILE A 194 -13.43 -13.18 -2.44
C ILE A 194 -11.98 -13.07 -2.92
N PHE A 195 -11.17 -14.12 -2.67
CA PHE A 195 -9.76 -14.10 -3.09
C PHE A 195 -9.63 -14.08 -4.61
N HIS A 196 -10.37 -14.96 -5.29
CA HIS A 196 -10.30 -14.99 -6.75
C HIS A 196 -10.68 -13.64 -7.36
N TRP A 197 -11.83 -13.08 -6.92
CA TRP A 197 -12.24 -11.77 -7.44
C TRP A 197 -11.17 -10.71 -7.15
N THR A 198 -10.72 -10.64 -5.89
CA THR A 198 -9.67 -9.69 -5.51
C THR A 198 -8.42 -9.84 -6.37
N ASN A 199 -7.97 -11.07 -6.55
CA ASN A 199 -6.77 -11.30 -7.37
C ASN A 199 -6.98 -10.83 -8.80
N VAL A 200 -8.19 -11.02 -9.36
CA VAL A 200 -8.40 -10.58 -10.74
C VAL A 200 -8.38 -9.07 -10.81
N ILE A 201 -9.04 -8.40 -9.86
CA ILE A 201 -8.96 -6.95 -9.80
C ILE A 201 -7.51 -6.51 -9.66
N LEU A 202 -6.78 -7.11 -8.73
CA LEU A 202 -5.40 -6.66 -8.54
C LEU A 202 -4.54 -6.95 -9.78
N GLY A 203 -4.85 -8.01 -10.51
CA GLY A 203 -4.07 -8.39 -11.68
C GLY A 203 -4.27 -7.49 -12.88
N PHE A 204 -5.38 -6.76 -12.95
CA PHE A 204 -5.69 -5.90 -14.09
C PHE A 204 -4.64 -4.79 -14.33
N GLY A 205 -3.64 -4.66 -13.46
CA GLY A 205 -2.59 -3.67 -13.71
C GLY A 205 -1.30 -4.28 -14.21
N ASP A 206 -1.21 -5.60 -14.10
CA ASP A 206 0.02 -6.33 -14.40
C ASP A 206 0.17 -6.54 -15.90
N PRO A 207 1.20 -5.98 -16.54
CA PRO A 207 1.42 -6.27 -17.97
C PRO A 207 2.11 -7.60 -18.23
N ASP A 208 2.56 -8.31 -17.19
CA ASP A 208 3.01 -9.69 -17.37
C ASP A 208 1.83 -10.65 -17.35
N LEU A 209 0.64 -10.18 -17.04
CA LEU A 209 -0.55 -10.97 -17.12
C LEU A 209 -1.41 -10.45 -18.27
N THR A 210 -2.17 -11.37 -18.86
CA THR A 210 -3.15 -11.04 -19.89
C THR A 210 -4.52 -11.14 -19.23
N THR A 211 -4.96 -10.05 -18.61
CA THR A 211 -6.26 -10.01 -17.95
C THR A 211 -7.30 -9.37 -18.86
N ASP A 212 -8.41 -10.07 -19.04
CA ASP A 212 -9.49 -9.66 -19.93
C ASP A 212 -10.27 -8.50 -19.28
N PHE A 213 -10.52 -7.44 -20.05
CA PHE A 213 -11.26 -6.33 -19.48
C PHE A 213 -12.71 -6.73 -19.18
N ASP A 214 -13.33 -7.52 -20.06
CA ASP A 214 -14.65 -8.06 -19.76
C ASP A 214 -14.65 -8.81 -18.44
N GLU A 215 -13.66 -9.69 -18.24
CA GLU A 215 -13.56 -10.43 -16.99
C GLU A 215 -13.37 -9.49 -15.81
N PHE A 216 -12.60 -8.41 -15.99
CA PHE A 216 -12.37 -7.46 -14.91
C PHE A 216 -13.69 -6.82 -14.48
N LEU A 217 -14.47 -6.36 -15.44
CA LEU A 217 -15.80 -5.83 -15.15
C LEU A 217 -16.68 -6.85 -14.44
N GLN A 218 -16.70 -8.07 -14.91
CA GLN A 218 -17.65 -9.02 -14.30
C GLN A 218 -17.29 -9.33 -12.85
N VAL A 219 -16.00 -9.52 -12.56
CA VAL A 219 -15.61 -9.79 -11.18
C VAL A 219 -15.84 -8.55 -10.33
N SER A 220 -15.67 -7.35 -10.92
CA SER A 220 -15.84 -6.12 -10.15
C SER A 220 -17.30 -5.94 -9.75
N MET A 221 -18.22 -6.24 -10.66
CA MET A 221 -19.62 -6.17 -10.29
C MET A 221 -20.00 -7.28 -9.32
N ALA A 222 -19.43 -8.48 -9.50
CA ALA A 222 -19.78 -9.60 -8.63
C ALA A 222 -19.37 -9.34 -7.18
N ILE A 223 -18.13 -8.87 -6.95
CA ILE A 223 -17.71 -8.60 -5.56
C ILE A 223 -18.54 -7.47 -4.96
N GLY A 224 -18.86 -6.45 -5.77
CA GLY A 224 -19.75 -5.40 -5.30
C GLY A 224 -21.15 -5.92 -4.98
N GLY A 225 -21.72 -6.76 -5.83
CA GLY A 225 -23.02 -7.36 -5.51
C GLY A 225 -22.96 -8.24 -4.27
N TYR A 226 -21.84 -8.99 -4.10
CA TYR A 226 -21.60 -9.73 -2.87
C TYR A 226 -21.66 -8.82 -1.66
N ALA A 227 -20.95 -7.68 -1.73
CA ALA A 227 -20.89 -6.75 -0.59
C ALA A 227 -22.24 -6.11 -0.28
N THR A 228 -23.01 -5.71 -1.31
CA THR A 228 -24.31 -5.10 -0.99
C THR A 228 -25.24 -6.12 -0.36
N ALA A 229 -25.17 -7.39 -0.79
CA ALA A 229 -25.97 -8.43 -0.16
C ALA A 229 -25.50 -8.71 1.26
N LEU A 230 -24.18 -8.69 1.49
CA LEU A 230 -23.69 -8.85 2.85
C LEU A 230 -24.25 -7.76 3.76
N ALA A 231 -24.14 -6.49 3.33
CA ALA A 231 -24.66 -5.40 4.16
C ALA A 231 -26.18 -5.53 4.37
N ASP A 232 -26.91 -5.90 3.33
CA ASP A 232 -28.37 -6.05 3.49
C ASP A 232 -28.70 -7.13 4.50
N ASP A 233 -27.95 -8.25 4.49
CA ASP A 233 -28.15 -9.28 5.52
C ASP A 233 -28.01 -8.73 6.94
N ARG A 234 -26.98 -7.90 7.19
CA ARG A 234 -26.75 -7.33 8.51
C ARG A 234 -27.83 -6.31 8.92
N ARG A 235 -28.58 -5.76 7.96
CA ARG A 235 -29.67 -4.86 8.32
C ARG A 235 -30.78 -5.62 9.05
N VAL A 236 -31.03 -6.87 8.65
CA VAL A 236 -31.98 -7.77 9.34
C VAL A 236 -31.33 -8.50 10.50
N ASN A 237 -30.07 -8.90 10.37
CA ASN A 237 -29.37 -9.75 11.35
C ASN A 237 -28.14 -9.01 11.89
N HIS A 238 -28.26 -8.42 13.07
CA HIS A 238 -27.14 -7.72 13.71
C HIS A 238 -26.03 -8.70 14.14
N HIS A 239 -24.80 -8.42 13.71
CA HIS A 239 -23.64 -9.19 14.18
C HIS A 239 -22.57 -8.25 14.72
N GLY A 240 -21.54 -8.83 15.36
CA GLY A 240 -20.53 -8.00 15.98
C GLY A 240 -19.41 -7.64 15.02
N ASP A 241 -19.72 -7.47 13.74
CA ASP A 241 -18.73 -7.22 12.71
C ASP A 241 -18.79 -5.78 12.21
N LEU A 242 -17.78 -5.42 11.41
CA LEU A 242 -17.75 -4.07 10.84
C LEU A 242 -18.94 -3.87 9.89
N THR A 243 -19.34 -4.89 9.13
CA THR A 243 -20.46 -4.72 8.20
C THR A 243 -21.68 -4.19 8.95
N THR A 244 -21.98 -4.78 10.09
CA THR A 244 -23.15 -4.35 10.87
C THR A 244 -22.92 -2.94 11.43
N SER A 245 -21.69 -2.65 11.89
CA SER A 245 -21.45 -1.31 12.42
C SER A 245 -21.54 -0.24 11.32
N LEU A 246 -21.13 -0.59 10.08
CA LEU A 246 -21.31 0.32 8.96
C LEU A 246 -22.79 0.57 8.65
N VAL A 247 -23.63 -0.47 8.64
CA VAL A 247 -25.04 -0.22 8.30
C VAL A 247 -25.73 0.59 9.39
N GLU A 248 -25.26 0.47 10.65
CA GLU A 248 -25.87 1.17 11.77
C GLU A 248 -25.27 2.55 12.04
N ALA A 249 -24.05 2.81 11.59
CA ALA A 249 -23.40 4.07 11.91
C ALA A 249 -24.17 5.28 11.34
N GLU A 250 -24.09 6.43 12.04
CA GLU A 250 -24.77 7.66 11.64
C GLU A 250 -23.97 8.90 12.02
N VAL A 251 -23.95 9.90 11.14
CA VAL A 251 -23.30 11.19 11.47
C VAL A 251 -24.17 12.29 10.87
N ASP A 252 -24.67 13.18 11.72
CA ASP A 252 -25.64 14.23 11.33
C ASP A 252 -26.81 13.65 10.54
N GLY A 253 -27.36 12.54 11.02
CA GLY A 253 -28.47 11.92 10.36
C GLY A 253 -28.18 11.23 9.04
N GLU A 254 -26.95 11.29 8.51
CA GLU A 254 -26.66 10.58 7.26
C GLU A 254 -26.19 9.17 7.60
N ARG A 255 -26.73 8.20 6.89
CA ARG A 255 -26.23 6.84 7.03
C ARG A 255 -25.65 6.39 5.69
N LEU A 256 -25.08 5.18 5.67
CA LEU A 256 -24.45 4.61 4.48
C LEU A 256 -25.42 3.65 3.80
N SER A 257 -25.58 3.79 2.48
CA SER A 257 -26.31 2.81 1.70
C SER A 257 -25.48 1.56 1.55
N SER A 258 -26.15 0.50 1.13
CA SER A 258 -25.44 -0.73 0.82
C SER A 258 -24.45 -0.53 -0.33
N SER A 259 -24.78 0.30 -1.32
CA SER A 259 -23.82 0.56 -2.40
C SER A 259 -22.58 1.28 -1.89
N GLU A 260 -22.76 2.24 -0.99
CA GLU A 260 -21.58 2.93 -0.44
C GLU A 260 -20.70 1.98 0.36
N ILE A 261 -21.32 1.07 1.12
CA ILE A 261 -20.53 0.07 1.84
C ILE A 261 -19.82 -0.87 0.86
N ALA A 262 -20.45 -1.20 -0.28
CA ALA A 262 -19.77 -2.05 -1.23
C ALA A 262 -18.54 -1.35 -1.80
N MET A 263 -18.65 -0.06 -2.09
CA MET A 263 -17.53 0.66 -2.71
C MET A 263 -16.37 0.76 -1.73
N PHE A 264 -16.66 1.00 -0.44
CA PHE A 264 -15.63 1.03 0.59
C PHE A 264 -14.99 -0.34 0.75
N PHE A 265 -15.81 -1.41 0.70
CA PHE A 265 -15.18 -2.75 0.72
C PHE A 265 -14.24 -2.97 -0.45
N ILE A 266 -14.63 -2.51 -1.65
CA ILE A 266 -13.76 -2.68 -2.82
C ILE A 266 -12.47 -1.89 -2.69
N LEU A 267 -12.55 -0.72 -2.06
CA LEU A 267 -11.33 0.01 -1.74
C LEU A 267 -10.48 -0.76 -0.75
N LEU A 268 -11.10 -1.35 0.28
CA LEU A 268 -10.27 -2.09 1.26
C LEU A 268 -9.51 -3.26 0.66
N VAL A 269 -10.15 -4.04 -0.22
CA VAL A 269 -9.46 -5.25 -0.70
C VAL A 269 -8.33 -4.90 -1.64
N VAL A 270 -8.17 -3.62 -2.01
CA VAL A 270 -7.00 -3.17 -2.74
C VAL A 270 -6.10 -2.35 -1.82
N ALA A 271 -6.57 -1.16 -1.41
CA ALA A 271 -5.75 -0.23 -0.64
C ALA A 271 -5.31 -0.76 0.74
N GLY A 272 -6.11 -1.62 1.37
CA GLY A 272 -5.76 -2.17 2.66
C GLY A 272 -5.14 -3.54 2.59
N ASN A 273 -4.75 -3.99 1.40
CA ASN A 273 -4.43 -5.39 1.19
C ASN A 273 -3.06 -5.51 0.53
N GLU A 274 -2.92 -5.07 -0.72
CA GLU A 274 -1.65 -5.26 -1.41
C GLU A 274 -0.57 -4.37 -0.85
N THR A 275 -0.97 -3.21 -0.27
CA THR A 275 -0.04 -2.36 0.45
C THR A 275 0.62 -3.13 1.59
N THR A 276 -0.20 -3.67 2.51
CA THR A 276 0.37 -4.40 3.65
C THR A 276 1.21 -5.61 3.19
N ARG A 277 0.72 -6.33 2.18
CA ARG A 277 1.45 -7.48 1.64
C ARG A 277 2.90 -7.06 1.29
N ASN A 278 3.04 -5.95 0.57
CA ASN A 278 4.34 -5.52 0.07
C ASN A 278 5.20 -4.91 1.17
N ALA A 279 4.59 -4.35 2.22
CA ALA A 279 5.37 -3.99 3.40
C ALA A 279 5.98 -5.22 4.06
N ILE A 280 5.19 -6.30 4.18
CA ILE A 280 5.68 -7.51 4.81
C ILE A 280 6.83 -8.12 3.98
N SER A 281 6.62 -8.26 2.67
CA SER A 281 7.66 -8.87 1.83
C SER A 281 8.94 -8.02 1.81
N HIS A 282 8.82 -6.69 1.64
CA HIS A 282 10.06 -5.90 1.66
C HIS A 282 10.71 -5.90 3.03
N GLY A 283 9.90 -5.90 4.10
CA GLY A 283 10.45 -6.05 5.44
C GLY A 283 11.23 -7.36 5.63
N MET A 284 10.68 -8.45 5.09
CA MET A 284 11.40 -9.74 5.15
C MET A 284 12.69 -9.57 4.35
N LEU A 285 12.59 -9.00 3.14
CA LEU A 285 13.81 -8.86 2.32
C LEU A 285 14.87 -8.01 3.01
N ALA A 286 14.47 -6.93 3.65
CA ALA A 286 15.47 -6.08 4.32
C ALA A 286 16.09 -6.79 5.53
N LEU A 287 15.26 -7.49 6.33
CA LEU A 287 15.79 -8.20 7.49
C LEU A 287 16.72 -9.33 7.06
N SER A 288 16.51 -9.84 5.83
CA SER A 288 17.41 -10.85 5.28
C SER A 288 18.71 -10.22 4.78
N ARG A 289 18.62 -9.08 4.09
CA ARG A 289 19.85 -8.45 3.58
C ARG A 289 20.72 -7.90 4.69
N TYR A 290 20.10 -7.42 5.78
CA TYR A 290 20.78 -6.72 6.87
C TYR A 290 20.61 -7.52 8.16
N PRO A 291 21.30 -8.64 8.31
CA PRO A 291 20.98 -9.55 9.41
C PRO A 291 21.22 -8.99 10.79
N ASP A 292 22.09 -7.98 10.95
CA ASP A 292 22.26 -7.34 12.25
C ASP A 292 20.98 -6.69 12.74
N GLU A 293 20.16 -6.19 11.80
CA GLU A 293 18.89 -5.57 12.20
C GLU A 293 17.89 -6.62 12.67
N ARG A 294 17.90 -7.78 12.05
CA ARG A 294 17.04 -8.88 12.55
C ARG A 294 17.57 -9.33 13.90
N ALA A 295 18.90 -9.41 14.08
CA ALA A 295 19.36 -9.91 15.36
C ALA A 295 18.94 -8.95 16.48
N LYS A 296 19.15 -7.64 16.26
CA LYS A 296 18.75 -6.63 17.21
C LYS A 296 17.26 -6.67 17.50
N TRP A 297 16.48 -6.77 16.43
CA TRP A 297 15.00 -6.82 16.60
C TRP A 297 14.61 -8.07 17.38
N TRP A 298 15.17 -9.24 17.03
CA TRP A 298 14.77 -10.52 17.69
C TRP A 298 15.23 -10.54 19.15
N SER A 299 16.15 -9.64 19.54
CA SER A 299 16.71 -9.64 20.88
C SER A 299 15.85 -8.86 21.85
N ASP A 300 15.02 -7.92 21.36
CA ASP A 300 14.17 -7.03 22.16
C ASP A 300 12.94 -6.71 21.30
N PHE A 301 12.11 -7.72 21.05
CA PHE A 301 11.08 -7.57 20.02
C PHE A 301 10.05 -6.51 20.39
N ASP A 302 9.43 -6.64 21.56
CA ASP A 302 8.39 -5.67 21.91
C ASP A 302 8.97 -4.27 22.07
N GLY A 303 10.24 -4.17 22.49
CA GLY A 303 10.82 -2.88 22.78
C GLY A 303 11.27 -2.10 21.57
N LEU A 304 11.70 -2.79 20.52
CA LEU A 304 12.02 -2.17 19.24
C LEU A 304 10.88 -2.22 18.21
N ALA A 305 9.74 -2.84 18.54
CA ALA A 305 8.74 -3.08 17.50
C ALA A 305 8.28 -1.77 16.86
N ALA A 306 8.07 -0.73 17.66
CA ALA A 306 7.49 0.47 17.07
C ALA A 306 8.45 1.12 16.07
N THR A 307 9.73 1.28 16.44
CA THR A 307 10.67 1.85 15.50
C THR A 307 10.97 0.91 14.35
N ALA A 308 11.01 -0.41 14.61
CA ALA A 308 11.25 -1.37 13.52
C ALA A 308 10.13 -1.33 12.47
N VAL A 309 8.89 -1.34 12.93
CA VAL A 309 7.78 -1.29 11.99
C VAL A 309 7.82 0.01 11.19
N GLU A 310 8.04 1.14 11.87
CA GLU A 310 8.06 2.41 11.15
C GLU A 310 9.16 2.42 10.08
N GLU A 311 10.33 1.83 10.38
CA GLU A 311 11.42 1.74 9.40
C GLU A 311 11.05 0.78 8.26
N ILE A 312 10.33 -0.31 8.55
CA ILE A 312 9.92 -1.16 7.45
C ILE A 312 9.04 -0.38 6.47
N VAL A 313 8.10 0.43 6.98
CA VAL A 313 7.27 1.23 6.08
C VAL A 313 8.09 2.27 5.32
N ARG A 314 9.00 3.01 6.00
CA ARG A 314 9.84 3.95 5.27
C ARG A 314 10.64 3.23 4.19
N TRP A 315 11.20 2.06 4.53
CA TRP A 315 12.04 1.34 3.60
C TRP A 315 11.24 0.83 2.42
N ALA A 316 10.07 0.27 2.69
CA ALA A 316 9.30 -0.41 1.66
C ALA A 316 8.60 0.58 0.74
N SER A 317 8.09 1.69 1.32
CA SER A 317 7.20 2.63 0.64
C SER A 317 6.26 1.88 -0.29
N PRO A 318 5.36 1.05 0.26
CA PRO A 318 4.53 0.17 -0.62
C PRO A 318 3.74 0.93 -1.66
N VAL A 319 3.19 2.11 -1.32
CA VAL A 319 2.59 3.03 -2.28
C VAL A 319 3.68 3.96 -2.78
N VAL A 320 4.04 3.81 -4.05
CA VAL A 320 5.16 4.55 -4.64
C VAL A 320 4.77 6.03 -4.82
N TYR A 321 3.55 6.30 -5.28
CA TYR A 321 3.12 7.69 -5.43
C TYR A 321 1.60 7.77 -5.28
N MET A 322 1.09 8.99 -5.14
CA MET A 322 -0.33 9.31 -5.29
C MET A 322 -0.43 10.59 -6.14
N ARG A 323 -1.47 10.65 -6.99
CA ARG A 323 -1.72 11.77 -7.88
C ARG A 323 -2.73 12.73 -7.24
N ARG A 324 -2.56 13.98 -7.60
CA ARG A 324 -3.45 15.07 -7.29
C ARG A 324 -3.71 15.84 -8.59
N THR A 325 -4.72 16.71 -8.55
CA THR A 325 -5.09 17.57 -9.67
C THR A 325 -5.25 19.00 -9.17
N LEU A 326 -4.49 19.93 -9.77
CA LEU A 326 -4.50 21.33 -9.34
C LEU A 326 -5.82 22.04 -9.69
N SER A 327 -6.43 22.66 -8.69
CA SER A 327 -7.61 23.53 -8.85
C SER A 327 -7.26 24.98 -9.16
N GLN A 328 -6.03 25.40 -8.91
CA GLN A 328 -5.55 26.76 -9.14
C GLN A 328 -4.06 26.72 -9.43
N ASP A 329 -3.52 27.83 -9.93
CA ASP A 329 -2.09 27.90 -10.19
C ASP A 329 -1.28 27.80 -8.89
N VAL A 330 -0.10 27.22 -9.01
CA VAL A 330 0.81 27.01 -7.88
C VAL A 330 2.23 27.30 -8.35
N ASP A 331 2.97 28.07 -7.55
CA ASP A 331 4.39 28.31 -7.77
C ASP A 331 5.10 27.90 -6.48
N LEU A 332 5.81 26.78 -6.53
CA LEU A 332 6.61 26.39 -5.38
C LEU A 332 7.97 25.93 -5.86
N ARG A 333 9.03 26.32 -5.14
CA ARG A 333 10.40 26.17 -5.63
C ARG A 333 10.56 26.86 -6.99
N GLY A 334 9.85 27.97 -7.18
CA GLY A 334 9.97 28.73 -8.40
C GLY A 334 9.49 28.02 -9.65
N THR A 335 8.88 26.85 -9.48
CA THR A 335 8.35 26.06 -10.59
C THR A 335 6.85 26.35 -10.69
N LYS A 336 6.44 26.93 -11.82
CA LYS A 336 5.06 27.34 -12.01
C LYS A 336 4.25 26.17 -12.55
N MET A 337 3.23 25.76 -11.80
CA MET A 337 2.35 24.68 -12.19
C MET A 337 0.94 25.24 -12.35
N ALA A 338 0.28 24.89 -13.46
CA ALA A 338 -0.99 25.47 -13.87
C ALA A 338 -2.20 24.72 -13.29
N ALA A 339 -3.25 25.47 -12.97
CA ALA A 339 -4.53 24.87 -12.63
C ALA A 339 -4.90 23.82 -13.67
N GLY A 340 -5.50 22.71 -13.22
CA GLY A 340 -5.79 21.59 -14.08
C GLY A 340 -4.65 20.59 -14.30
N ASP A 341 -3.40 20.94 -13.99
CA ASP A 341 -2.32 19.98 -14.18
C ASP A 341 -2.42 18.84 -13.17
N LYS A 342 -1.98 17.66 -13.56
CA LYS A 342 -1.73 16.62 -12.57
C LYS A 342 -0.39 16.85 -11.85
N VAL A 343 -0.34 16.42 -10.58
CA VAL A 343 0.87 16.41 -9.75
C VAL A 343 0.96 15.04 -9.07
N THR A 344 2.16 14.50 -8.95
CA THR A 344 2.37 13.20 -8.32
C THR A 344 3.29 13.33 -7.13
N LEU A 345 2.95 12.61 -6.05
CA LEU A 345 3.64 12.71 -4.77
C LEU A 345 4.46 11.44 -4.61
N TRP A 346 5.79 11.52 -4.84
CA TRP A 346 6.61 10.32 -4.86
C TRP A 346 7.09 10.00 -3.46
N TYR A 347 6.28 9.24 -2.71
CA TYR A 347 6.65 8.85 -1.32
C TYR A 347 7.98 8.07 -1.34
N CYS A 348 8.22 7.29 -2.40
CA CYS A 348 9.46 6.50 -2.46
C CYS A 348 10.68 7.40 -2.44
N SER A 349 10.57 8.62 -2.96
CA SER A 349 11.65 9.61 -2.93
C SER A 349 11.65 10.42 -1.60
N ALA A 350 10.49 10.93 -1.17
CA ALA A 350 10.46 11.63 0.12
C ALA A 350 11.00 10.78 1.23
N ASN A 351 10.88 9.45 1.14
CA ASN A 351 11.34 8.61 2.24
C ASN A 351 12.82 8.31 2.12
N ARG A 352 13.50 8.98 1.18
CA ARG A 352 14.97 8.98 1.15
C ARG A 352 15.53 10.39 1.11
N ASP A 353 14.72 11.39 1.40
CA ASP A 353 15.14 12.78 1.28
C ASP A 353 16.28 13.10 2.27
N GLU A 354 17.42 13.50 1.69
CA GLU A 354 18.64 13.73 2.47
C GLU A 354 18.45 14.87 3.46
N GLU A 355 17.43 15.72 3.26
CA GLU A 355 17.19 16.84 4.18
C GLU A 355 16.36 16.48 5.39
N LYS A 356 15.57 15.40 5.34
CA LYS A 356 14.81 14.96 6.52
C LYS A 356 15.41 13.79 7.25
N PHE A 357 16.10 12.87 6.59
CA PHE A 357 16.61 11.69 7.29
C PHE A 357 18.11 11.72 7.26
N ALA A 358 18.72 11.63 8.43
CA ALA A 358 20.14 11.31 8.51
C ALA A 358 20.35 9.89 8.00
N ASP A 359 21.52 9.64 7.41
CA ASP A 359 21.87 8.27 6.92
C ASP A 359 20.67 7.68 6.18
N PRO A 360 20.13 8.23 5.05
CA PRO A 360 18.86 7.69 4.51
C PRO A 360 19.02 6.29 3.92
N TRP A 361 20.27 5.87 3.59
CA TRP A 361 20.51 4.61 2.92
C TRP A 361 20.78 3.47 3.91
N THR A 362 20.57 3.73 5.19
CA THR A 362 20.71 2.74 6.25
C THR A 362 19.32 2.28 6.68
N PHE A 363 19.11 0.96 6.64
CA PHE A 363 17.92 0.35 7.20
C PHE A 363 18.23 0.11 8.67
N ASP A 364 17.55 0.86 9.54
CA ASP A 364 17.85 0.96 10.96
C ASP A 364 16.55 0.73 11.75
N VAL A 365 16.42 -0.45 12.37
CA VAL A 365 15.19 -0.76 13.11
C VAL A 365 15.04 0.04 14.40
N THR A 366 16.04 0.83 14.80
CA THR A 366 15.94 1.74 15.94
C THR A 366 15.77 3.21 15.53
N ARG A 367 15.59 3.48 14.23
CA ARG A 367 15.65 4.86 13.70
C ARG A 367 14.66 5.78 14.41
N ASN A 368 15.14 6.93 14.87
CA ASN A 368 14.28 7.87 15.60
C ASN A 368 15.00 9.21 15.62
N PRO A 369 14.40 10.28 15.10
CA PRO A 369 13.02 10.28 14.57
C PRO A 369 12.91 9.59 13.22
N ASN A 370 11.67 9.42 12.80
CA ASN A 370 11.37 8.77 11.52
C ASN A 370 10.09 9.40 10.96
N PRO A 371 10.19 10.60 10.40
CA PRO A 371 9.04 11.27 9.76
C PRO A 371 8.70 10.70 8.39
N GLN A 372 8.49 9.39 8.33
CA GLN A 372 8.28 8.77 7.02
C GLN A 372 6.85 9.00 6.51
N VAL A 373 6.74 9.03 5.19
CA VAL A 373 5.44 9.42 4.60
C VAL A 373 4.93 8.26 3.75
N GLY A 374 5.24 7.02 4.15
CA GLY A 374 4.70 5.87 3.42
C GLY A 374 3.20 5.72 3.53
N PHE A 375 2.58 6.26 4.61
CA PHE A 375 1.12 6.34 4.73
C PHE A 375 0.59 7.67 4.19
N GLY A 376 1.41 8.39 3.43
CA GLY A 376 1.11 9.70 2.90
C GLY A 376 1.76 10.78 3.74
N GLY A 377 1.62 12.01 3.24
CA GLY A 377 2.29 13.20 3.80
C GLY A 377 1.54 13.82 4.97
N GLY A 378 0.42 13.22 5.34
CA GLY A 378 -0.42 13.78 6.38
C GLY A 378 -1.65 14.50 5.84
N GLY A 379 -2.48 14.93 6.74
CA GLY A 379 -3.69 15.62 6.31
C GLY A 379 -4.94 14.79 6.10
N ALA A 380 -5.84 15.30 5.26
CA ALA A 380 -7.23 14.84 5.19
C ALA A 380 -7.39 13.38 4.79
N HIS A 381 -6.51 12.88 3.94
CA HIS A 381 -6.58 11.53 3.39
C HIS A 381 -5.58 10.59 4.04
N PHE A 382 -4.93 11.01 5.14
CA PHE A 382 -3.94 10.17 5.81
C PHE A 382 -4.48 8.75 6.00
N CYS A 383 -3.64 7.73 5.67
CA CYS A 383 -4.14 6.35 5.61
C CYS A 383 -5.09 6.01 6.76
N LEU A 384 -6.35 5.63 6.42
CA LEU A 384 -7.29 5.26 7.48
C LEU A 384 -6.82 4.02 8.24
N GLY A 385 -6.16 3.09 7.58
CA GLY A 385 -5.71 1.91 8.29
C GLY A 385 -4.27 1.93 8.79
N ALA A 386 -3.62 3.09 9.01
CA ALA A 386 -2.18 3.06 9.27
C ALA A 386 -1.86 2.25 10.52
N ASN A 387 -2.65 2.39 11.58
CA ASN A 387 -2.31 1.67 12.82
C ASN A 387 -2.64 0.19 12.68
N LEU A 388 -3.65 -0.14 11.86
CA LEU A 388 -3.94 -1.55 11.55
C LEU A 388 -2.76 -2.14 10.78
N ALA A 389 -2.21 -1.38 9.80
CA ALA A 389 -1.06 -1.90 9.04
C ALA A 389 0.16 -2.11 9.95
N ARG A 390 0.46 -1.13 10.81
CA ARG A 390 1.57 -1.28 11.76
C ARG A 390 1.40 -2.54 12.60
N ARG A 391 0.16 -2.86 13.01
CA ARG A 391 -0.10 -4.05 13.81
C ARG A 391 0.10 -5.33 13.01
N GLU A 392 -0.39 -5.36 11.79
CA GLU A 392 -0.18 -6.54 10.96
C GLU A 392 1.31 -6.80 10.75
N ILE A 393 2.08 -5.75 10.43
CA ILE A 393 3.53 -5.92 10.28
C ILE A 393 4.15 -6.44 11.57
N ARG A 394 3.84 -5.82 12.71
CA ARG A 394 4.45 -6.23 13.97
C ARG A 394 4.12 -7.68 14.28
N VAL A 395 2.86 -8.04 14.16
CA VAL A 395 2.42 -9.35 14.59
C VAL A 395 2.95 -10.45 13.67
N VAL A 396 3.01 -10.20 12.36
CA VAL A 396 3.51 -11.27 11.50
C VAL A 396 5.00 -11.52 11.77
N PHE A 397 5.78 -10.47 12.01
CA PHE A 397 7.18 -10.77 12.29
C PHE A 397 7.32 -11.36 13.69
N ASP A 398 6.40 -11.04 14.60
CA ASP A 398 6.43 -11.68 15.91
C ASP A 398 6.19 -13.18 15.80
N GLU A 399 5.25 -13.57 14.94
CA GLU A 399 4.96 -15.00 14.78
C GLU A 399 6.09 -15.73 14.04
N LEU A 400 6.72 -15.07 13.07
CA LEU A 400 7.89 -15.67 12.43
C LEU A 400 9.01 -15.85 13.44
N ARG A 401 9.21 -14.82 14.28
CA ARG A 401 10.26 -14.86 15.28
C ARG A 401 10.07 -16.03 16.23
N ARG A 402 8.83 -16.26 16.66
CA ARG A 402 8.55 -17.37 17.58
C ARG A 402 8.57 -18.72 16.91
N GLN A 403 8.01 -18.84 15.70
CA GLN A 403 7.86 -20.17 15.08
C GLN A 403 9.04 -20.60 14.21
N MET A 404 9.74 -19.67 13.55
CA MET A 404 10.83 -19.98 12.64
C MET A 404 11.83 -18.85 12.64
N PRO A 405 12.51 -18.62 13.78
CA PRO A 405 13.34 -17.40 13.91
C PRO A 405 14.42 -17.23 12.85
N ASP A 406 14.87 -18.30 12.19
CA ASP A 406 15.96 -18.18 11.26
C ASP A 406 15.50 -18.06 9.82
N VAL A 407 14.17 -17.93 9.62
CA VAL A 407 13.62 -17.76 8.27
C VAL A 407 14.34 -16.60 7.60
N VAL A 408 14.66 -16.78 6.32
CA VAL A 408 15.45 -15.80 5.58
C VAL A 408 15.10 -15.90 4.10
N ALA A 409 15.08 -14.76 3.41
CA ALA A 409 14.93 -14.82 1.97
C ALA A 409 16.17 -15.47 1.38
N THR A 410 15.93 -16.33 0.39
CA THR A 410 16.98 -17.15 -0.20
C THR A 410 17.23 -16.83 -1.67
N GLU A 411 16.55 -15.83 -2.22
CA GLU A 411 16.67 -15.50 -3.63
C GLU A 411 16.27 -14.04 -3.79
N GLU A 412 16.76 -13.38 -4.85
CA GLU A 412 16.22 -12.05 -5.14
C GLU A 412 14.73 -12.17 -5.41
N PRO A 413 13.94 -11.15 -5.08
CA PRO A 413 12.50 -11.24 -5.34
C PRO A 413 12.15 -11.16 -6.84
N ALA A 414 11.04 -11.80 -7.21
CA ALA A 414 10.41 -11.47 -8.48
C ALA A 414 9.60 -10.20 -8.31
N ARG A 415 9.93 -9.15 -9.05
CA ARG A 415 9.34 -7.84 -8.79
C ARG A 415 8.13 -7.60 -9.68
N LEU A 416 7.10 -6.97 -9.13
CA LEU A 416 5.94 -6.53 -9.90
C LEU A 416 6.33 -5.32 -10.76
N LEU A 417 5.96 -5.34 -12.03
CA LEU A 417 6.23 -4.21 -12.90
C LEU A 417 5.12 -3.20 -12.68
N SER A 418 5.38 -2.15 -11.89
CA SER A 418 4.35 -1.17 -11.55
C SER A 418 4.98 0.17 -11.24
N GLN A 419 4.33 1.23 -11.70
CA GLN A 419 4.67 2.60 -11.31
C GLN A 419 4.05 2.97 -9.95
N PHE A 420 2.98 2.30 -9.56
CA PHE A 420 2.15 2.70 -8.43
C PHE A 420 2.44 1.91 -7.16
N ILE A 421 2.66 0.62 -7.30
CA ILE A 421 2.83 -0.34 -6.20
C ILE A 421 4.26 -0.81 -6.19
N HIS A 422 4.89 -0.85 -5.01
CA HIS A 422 6.27 -1.38 -4.89
C HIS A 422 6.14 -2.88 -4.62
N GLY A 423 5.82 -3.62 -5.67
CA GLY A 423 5.30 -4.98 -5.51
C GLY A 423 6.35 -6.09 -5.58
N ILE A 424 6.15 -7.10 -4.76
CA ILE A 424 6.92 -8.34 -4.80
C ILE A 424 5.95 -9.48 -5.12
N LYS A 425 6.17 -10.14 -6.28
CA LYS A 425 5.30 -11.22 -6.75
C LYS A 425 5.64 -12.56 -6.09
N ARG A 426 6.93 -12.82 -5.87
CA ARG A 426 7.45 -14.01 -5.23
C ARG A 426 8.69 -13.67 -4.44
N LEU A 427 8.80 -14.32 -3.29
CA LEU A 427 9.95 -14.15 -2.41
C LEU A 427 10.25 -15.49 -1.75
N PRO A 428 11.14 -16.29 -2.35
CA PRO A 428 11.52 -17.58 -1.73
C PRO A 428 12.16 -17.37 -0.38
N VAL A 429 11.72 -18.14 0.62
CA VAL A 429 12.35 -18.14 1.94
C VAL A 429 12.67 -19.57 2.35
N ALA A 430 13.59 -19.69 3.31
CA ALA A 430 13.87 -20.97 3.94
C ALA A 430 14.05 -20.78 5.43
N TRP A 431 13.70 -21.81 6.18
CA TRP A 431 13.87 -21.83 7.63
C TRP A 431 14.30 -23.21 8.07
N SER A 432 14.74 -23.32 9.33
CA SER A 432 15.04 -24.64 9.93
C SER A 432 14.09 -24.78 11.10
N ARG A 433 14.10 -25.93 11.78
CA ARG A 433 13.37 -26.09 13.07
C ARG A 433 14.32 -25.87 14.25
CHA HEM B . -5.22 5.82 2.27
CHB HEM B . -0.79 3.77 2.37
CHC HEM B . -2.58 -0.13 4.71
CHD HEM B . -7.10 1.79 4.33
C1A HEM B . -3.86 5.61 2.06
C2A HEM B . -2.91 6.50 1.41
C3A HEM B . -1.72 5.91 1.47
C4A HEM B . -1.85 4.64 2.14
CMA HEM B . -0.38 6.46 0.91
CAA HEM B . -3.19 7.89 0.78
CBA HEM B . -2.69 8.98 1.77
CGA HEM B . -2.87 10.41 1.24
O1A HEM B . -2.46 11.37 1.97
O2A HEM B . -3.35 10.62 0.08
C1B HEM B . -0.89 2.56 3.00
C2B HEM B . 0.20 1.67 3.30
C3B HEM B . -0.29 0.60 3.94
C4B HEM B . -1.72 0.78 4.10
CMB HEM B . 1.69 1.96 2.89
CAB HEM B . 0.40 -0.66 4.53
CBB HEM B . 1.71 -0.76 4.82
C1C HEM B . -3.94 0.09 4.88
C2C HEM B . -4.88 -0.78 5.60
C3C HEM B . -6.11 -0.22 5.52
C4C HEM B . -6.02 0.98 4.68
CMC HEM B . -4.42 -2.06 6.37
CAC HEM B . -7.43 -0.75 6.10
CBC HEM B . -7.70 -2.07 6.07
C1D HEM B . -7.02 3.04 3.72
C2D HEM B . -8.13 3.95 3.40
C3D HEM B . -7.60 5.06 2.83
C4D HEM B . -6.13 4.88 2.78
CMD HEM B . -9.65 3.63 3.63
CAD HEM B . -8.32 6.29 2.27
CBD HEM B . -8.33 7.41 3.30
CGD HEM B . -8.90 8.67 2.67
O1D HEM B . -9.34 9.55 3.45
O2D HEM B . -8.97 8.82 1.41
NA HEM B . -3.17 4.53 2.54
NB HEM B . -2.04 1.96 3.47
NC HEM B . -4.66 1.13 4.32
ND HEM B . -5.84 3.64 3.34
FE HEM B . -3.88 2.90 3.60
S SO4 C . -6.45 12.03 -18.21
O1 SO4 C . -7.50 12.60 -17.40
O2 SO4 C . -5.80 10.91 -17.52
O3 SO4 C . -5.63 13.21 -18.48
O4 SO4 C . -6.82 11.37 -19.46
S SO4 D . -1.01 -8.87 20.29
O1 SO4 D . -1.30 -9.39 21.62
O2 SO4 D . 0.47 -8.73 20.14
O3 SO4 D . -1.56 -7.53 20.12
O4 SO4 D . -1.63 -9.82 19.38
C1 GOL E . -3.85 -19.24 0.36
O1 GOL E . -5.10 -18.92 0.95
C2 GOL E . -2.88 -19.71 1.51
O2 GOL E . -3.42 -19.32 2.70
C3 GOL E . -2.83 -21.26 1.44
O3 GOL E . -1.49 -21.69 1.43
C1 PEG F . 18.64 16.34 12.14
O1 PEG F . 18.57 17.53 12.91
C2 PEG F . 17.59 16.34 11.03
O2 PEG F . 18.18 16.60 9.78
C3 PEG F . 18.47 15.47 9.02
C4 PEG F . 19.50 15.86 7.97
O4 PEG F . 20.78 15.47 8.39
S SO4 G . -10.59 -14.38 21.35
O1 SO4 G . -11.26 -15.57 21.90
O2 SO4 G . -9.15 -14.59 21.35
O3 SO4 G . -11.06 -14.24 19.96
O4 SO4 G . -10.93 -13.19 22.11
#